data_3L1P
#
_entry.id   3L1P
#
_cell.length_a   49.250
_cell.length_b   49.250
_cell.length_c   265.480
_cell.angle_alpha   90.00
_cell.angle_beta   90.00
_cell.angle_gamma   90.00
#
_symmetry.space_group_name_H-M   'P 41'
#
loop_
_entity.id
_entity.type
_entity.pdbx_description
1 polymer 'POU domain, class 5, transcription factor 1'
2 polymer "DNA (5'-D(*TP*CP*CP*AP*CP*AP*TP*TP*TP*GP*AP*AP*AP*GP*GP*CP*AP*AP*AP*TP*GP*GP*A)-3')"
3 polymer "DNA (5'-D(*AP*TP*CP*CP*AP*TP*TP*TP*GP*CP*CP*TP*TP*TP*CP*AP*AP*AP*TP*GP*TP*GP*G)-3')"
#
loop_
_entity_poly.entity_id
_entity_poly.type
_entity_poly.pdbx_seq_one_letter_code
_entity_poly.pdbx_strand_id
1 'polypeptide(L)'
;GAMDMKALQKELEQFAKLLKQKRITLGYTQADVGLTLGVLFGKVFSQTTISRFEALQLSLKNMSKLRPLLEKWVEEADNN
ENLQEISKSETLVQARKRKRTSIENRVRWSLETMFLKSPKPSLQQITHIANQLGLEKDVVRVWFSNRRQKGKRSS
;
A,B
2 'polydeoxyribonucleotide'
;(DT)(DC)(DC)(DA)(DC)(DA)(DT)(DT)(DT)(DG)(DA)(DA)(DA)(DG)(DG)(DC)(DA)(DA)(DA)(DT)
(DG)(DG)(DA)
;
N
3 'polydeoxyribonucleotide'
;(DA)(DT)(DC)(DC)(DA)(DT)(DT)(DT)(DG)(DC)(DC)(DT)(DT)(DT)(DC)(DA)(DA)(DA)(DT)(DG)
(DT)(DG)(DG)
;
M
#
# COMPACT_ATOMS: atom_id res chain seq x y z
N ASP A 4 -16.62 14.74 -28.88
CA ASP A 4 -15.18 14.69 -29.26
C ASP A 4 -14.40 13.72 -28.38
N MET A 5 -13.66 12.81 -29.02
CA MET A 5 -12.88 11.79 -28.33
C MET A 5 -11.91 12.37 -27.30
N LYS A 6 -11.33 13.52 -27.62
CA LYS A 6 -10.35 14.17 -26.76
C LYS A 6 -10.99 15.10 -25.71
N ALA A 7 -12.28 15.38 -25.88
CA ALA A 7 -13.03 16.24 -24.94
C ALA A 7 -13.32 15.52 -23.62
N LEU A 8 -13.35 14.19 -23.65
CA LEU A 8 -13.46 13.37 -22.44
C LEU A 8 -12.16 13.49 -21.66
N GLN A 9 -11.05 13.12 -22.30
CA GLN A 9 -9.71 13.21 -21.71
C GLN A 9 -9.39 14.59 -21.13
N LYS A 10 -10.03 15.63 -21.68
CA LYS A 10 -9.92 16.99 -21.14
C LYS A 10 -10.62 17.11 -19.79
N GLU A 11 -11.82 16.52 -19.69
CA GLU A 11 -12.62 16.54 -18.46
C GLU A 11 -12.06 15.58 -17.42
N LEU A 12 -11.62 14.40 -17.88
CA LEU A 12 -10.99 13.39 -17.02
C LEU A 12 -9.71 13.90 -16.37
N GLU A 13 -8.84 14.52 -17.17
CA GLU A 13 -7.58 15.09 -16.69
C GLU A 13 -7.80 16.23 -15.69
N GLN A 14 -8.88 17.00 -15.88
CA GLN A 14 -9.24 18.05 -14.94
C GLN A 14 -9.76 17.48 -13.62
N PHE A 15 -10.65 16.49 -13.69
CA PHE A 15 -11.12 15.83 -12.48
C PHE A 15 -9.95 15.22 -11.70
N ALA A 16 -9.18 14.38 -12.39
CA ALA A 16 -8.02 13.70 -11.79
C ALA A 16 -7.08 14.67 -11.10
N LYS A 17 -6.91 15.87 -11.66
CA LYS A 17 -6.14 16.94 -11.02
C LYS A 17 -6.81 17.45 -9.75
N LEU A 18 -8.12 17.67 -9.82
CA LEU A 18 -8.91 18.05 -8.65
C LEU A 18 -8.83 16.99 -7.56
N LEU A 19 -8.90 15.72 -7.96
CA LEU A 19 -8.90 14.62 -6.99
C LEU A 19 -7.61 14.58 -6.18
N LYS A 20 -6.46 14.64 -6.84
CA LYS A 20 -5.21 14.68 -6.11
C LYS A 20 -5.13 15.92 -5.24
N GLN A 21 -5.48 17.08 -5.80
CA GLN A 21 -5.48 18.33 -5.05
C GLN A 21 -6.30 18.21 -3.76
N LYS A 22 -7.46 17.57 -3.84
CA LYS A 22 -8.34 17.44 -2.69
C LYS A 22 -7.76 16.45 -1.68
N ARG A 23 -7.42 15.28 -2.20
CA ARG A 23 -6.80 14.23 -1.41
C ARG A 23 -5.64 14.79 -0.54
N ILE A 24 -4.76 15.57 -1.16
CA ILE A 24 -3.54 15.98 -0.48
C ILE A 24 -3.81 17.07 0.58
N THR A 25 -4.54 18.10 0.17
CA THR A 25 -4.91 19.17 1.10
C THR A 25 -5.65 18.64 2.33
N LEU A 26 -6.55 17.69 2.13
CA LEU A 26 -7.31 17.08 3.22
C LEU A 26 -6.46 16.07 4.00
N GLY A 27 -5.27 15.76 3.50
CA GLY A 27 -4.30 14.91 4.20
C GLY A 27 -4.51 13.41 4.09
N TYR A 28 -5.39 12.97 3.19
CA TYR A 28 -5.64 11.53 2.97
C TYR A 28 -4.62 10.93 2.03
N THR A 29 -4.17 9.71 2.31
CA THR A 29 -3.32 8.97 1.37
C THR A 29 -4.21 8.31 0.32
N GLN A 30 -3.60 7.61 -0.64
CA GLN A 30 -4.34 6.91 -1.69
C GLN A 30 -4.96 5.61 -1.18
N ALA A 31 -4.23 4.86 -0.36
CA ALA A 31 -4.80 3.71 0.35
C ALA A 31 -6.07 4.15 1.05
N ASP A 32 -5.98 5.29 1.77
CA ASP A 32 -7.10 5.84 2.50
C ASP A 32 -8.32 6.01 1.59
N VAL A 33 -8.11 6.63 0.43
CA VAL A 33 -9.22 6.92 -0.47
C VAL A 33 -9.85 5.61 -0.93
N GLY A 34 -8.99 4.70 -1.43
CA GLY A 34 -9.46 3.44 -1.97
C GLY A 34 -10.24 2.66 -0.95
N LEU A 35 -9.85 2.81 0.32
CA LEU A 35 -10.52 2.10 1.39
C LEU A 35 -11.88 2.74 1.69
N THR A 36 -11.96 4.07 1.62
CA THR A 36 -13.21 4.75 1.96
C THR A 36 -14.20 4.75 0.79
N LEU A 37 -13.82 4.10 -0.31
CA LEU A 37 -14.79 3.79 -1.33
C LEU A 37 -15.44 2.51 -0.87
N GLY A 38 -14.62 1.58 -0.37
CA GLY A 38 -15.13 0.41 0.32
C GLY A 38 -16.20 0.84 1.30
N VAL A 39 -15.85 1.80 2.14
CA VAL A 39 -16.75 2.32 3.17
C VAL A 39 -18.04 2.92 2.58
N LEU A 40 -17.92 3.65 1.47
CA LEU A 40 -19.03 4.40 0.89
C LEU A 40 -19.88 3.66 -0.16
N PHE A 41 -19.26 2.79 -0.96
CA PHE A 41 -19.98 2.15 -2.06
C PHE A 41 -20.09 0.63 -1.97
N GLY A 42 -19.29 0.03 -1.12
CA GLY A 42 -19.29 -1.42 -0.93
C GLY A 42 -18.13 -2.14 -1.57
N LYS A 43 -17.21 -1.40 -2.20
CA LYS A 43 -16.04 -2.04 -2.83
C LYS A 43 -14.73 -1.27 -2.65
N VAL A 44 -13.82 -1.82 -1.85
CA VAL A 44 -12.53 -1.18 -1.61
C VAL A 44 -11.64 -1.25 -2.85
N PHE A 45 -10.92 -0.17 -3.11
CA PHE A 45 -9.92 -0.16 -4.18
C PHE A 45 -8.53 0.05 -3.58
N SER A 46 -7.51 -0.46 -4.26
CA SER A 46 -6.15 -0.47 -3.75
C SER A 46 -5.48 0.86 -4.03
N GLN A 47 -4.37 1.16 -3.35
CA GLN A 47 -3.59 2.36 -3.67
C GLN A 47 -3.20 2.37 -5.15
N THR A 48 -2.62 1.25 -5.62
CA THR A 48 -2.33 1.10 -7.03
C THR A 48 -3.49 1.55 -7.90
N THR A 49 -4.70 1.05 -7.66
CA THR A 49 -5.82 1.51 -8.48
C THR A 49 -5.94 3.03 -8.42
N ILE A 50 -6.00 3.60 -7.21
CA ILE A 50 -6.16 5.06 -7.06
C ILE A 50 -4.99 5.82 -7.69
N SER A 51 -3.78 5.28 -7.54
CA SER A 51 -2.61 5.93 -8.07
C SER A 51 -2.73 6.04 -9.57
N ARG A 52 -3.13 4.93 -10.19
CA ARG A 52 -3.26 4.82 -11.64
C ARG A 52 -4.38 5.73 -12.13
N PHE A 53 -5.48 5.77 -11.37
CA PHE A 53 -6.55 6.69 -11.70
C PHE A 53 -6.09 8.15 -11.66
N GLU A 54 -5.31 8.50 -10.65
CA GLU A 54 -4.81 9.86 -10.53
C GLU A 54 -3.86 10.25 -11.65
N ALA A 55 -3.26 9.27 -12.32
CA ALA A 55 -2.26 9.50 -13.37
C ALA A 55 -2.82 9.24 -14.77
N LEU A 56 -4.14 9.13 -14.88
CA LEU A 56 -4.78 8.68 -16.10
C LEU A 56 -3.96 7.54 -16.69
N GLN A 57 -3.74 6.52 -15.87
CA GLN A 57 -2.98 5.34 -16.29
C GLN A 57 -3.90 4.22 -16.69
N LEU A 58 -5.18 4.35 -16.40
CA LEU A 58 -6.15 3.33 -16.74
C LEU A 58 -6.72 3.56 -18.16
N SER A 59 -7.34 2.51 -18.71
CA SER A 59 -8.08 2.60 -19.96
C SER A 59 -9.23 3.59 -19.80
N LEU A 60 -9.60 4.26 -20.90
CA LEU A 60 -10.65 5.29 -20.89
C LEU A 60 -11.98 4.77 -20.38
N LYS A 61 -12.27 3.50 -20.67
CA LYS A 61 -13.50 2.88 -20.23
C LYS A 61 -13.46 2.73 -18.71
N ASN A 62 -12.35 2.18 -18.21
CA ASN A 62 -12.12 2.01 -16.77
C ASN A 62 -12.20 3.30 -15.97
N MET A 63 -11.60 4.38 -16.49
CA MET A 63 -11.59 5.66 -15.78
C MET A 63 -13.03 6.06 -15.49
N SER A 64 -13.90 5.84 -16.45
CA SER A 64 -15.27 6.34 -16.38
C SER A 64 -16.18 5.52 -15.46
N LYS A 65 -15.92 4.23 -15.34
CA LYS A 65 -16.61 3.42 -14.34
C LYS A 65 -16.25 3.91 -12.93
N LEU A 66 -14.98 4.27 -12.73
CA LEU A 66 -14.51 4.72 -11.43
C LEU A 66 -14.92 6.15 -11.10
N ARG A 67 -14.91 7.03 -12.11
CA ARG A 67 -15.14 8.46 -11.90
C ARG A 67 -16.31 8.80 -10.95
N PRO A 68 -17.53 8.27 -11.20
CA PRO A 68 -18.65 8.63 -10.31
C PRO A 68 -18.39 8.33 -8.83
N LEU A 69 -17.68 7.23 -8.55
CA LEU A 69 -17.34 6.89 -7.17
C LEU A 69 -16.39 7.92 -6.60
N LEU A 70 -15.37 8.29 -7.37
CA LEU A 70 -14.37 9.26 -6.91
C LEU A 70 -14.96 10.66 -6.75
N GLU A 71 -15.78 11.08 -7.71
CA GLU A 71 -16.50 12.34 -7.61
C GLU A 71 -17.25 12.43 -6.27
N LYS A 72 -18.03 11.40 -5.98
CA LYS A 72 -18.77 11.34 -4.72
C LYS A 72 -17.88 11.40 -3.48
N TRP A 73 -16.69 10.81 -3.57
CA TRP A 73 -15.72 10.85 -2.45
C TRP A 73 -15.29 12.29 -2.18
N VAL A 74 -14.94 13.01 -3.25
CA VAL A 74 -14.67 14.45 -3.20
C VAL A 74 -15.85 15.20 -2.57
N GLU A 75 -17.07 14.90 -3.04
CA GLU A 75 -18.29 15.50 -2.51
C GLU A 75 -18.47 15.24 -1.03
N GLU A 76 -18.14 14.03 -0.59
CA GLU A 76 -18.24 13.65 0.82
C GLU A 76 -17.14 14.28 1.68
N ALA A 77 -15.90 14.20 1.20
CA ALA A 77 -14.74 14.56 2.01
C ALA A 77 -14.57 16.06 2.27
N ASP A 78 -15.37 16.88 1.59
CA ASP A 78 -15.37 18.33 1.85
C ASP A 78 -16.01 18.71 3.19
N ASN A 79 -16.88 17.84 3.72
CA ASN A 79 -17.64 18.13 4.93
C ASN A 79 -17.39 17.14 6.08
N ASN A 80 -17.77 15.87 5.86
CA ASN A 80 -17.81 14.85 6.91
C ASN A 80 -16.45 14.31 7.39
N GLU A 81 -15.39 15.06 7.12
CA GLU A 81 -14.00 14.64 7.33
C GLU A 81 -13.68 13.90 8.64
N ASN A 82 -14.31 14.33 9.72
CA ASN A 82 -14.08 13.74 11.05
C ASN A 82 -14.53 12.29 11.12
N LEU A 83 -15.72 12.00 10.60
CA LEU A 83 -16.33 10.68 10.71
C LEU A 83 -15.78 9.67 9.68
N GLN A 84 -15.06 10.17 8.68
CA GLN A 84 -14.42 9.31 7.68
C GLN A 84 -13.15 8.65 8.20
N GLU A 85 -12.35 9.42 8.94
CA GLU A 85 -11.11 8.91 9.51
C GLU A 85 -11.32 8.28 10.89
N ILE A 86 -12.54 8.42 11.43
CA ILE A 86 -12.87 7.86 12.74
C ILE A 86 -13.33 6.39 12.65
N SER A 87 -13.48 5.91 11.42
CA SER A 87 -13.98 4.55 11.18
C SER A 87 -12.91 3.50 11.41
N LYS A 88 -11.80 3.59 10.66
CA LYS A 88 -10.74 2.59 10.72
C LYS A 88 -9.36 3.20 10.45
N SER A 89 -8.35 2.67 11.13
CA SER A 89 -6.94 3.03 10.90
C SER A 89 -5.99 2.01 11.54
N VAL A 93 -16.33 -3.06 9.58
CA VAL A 93 -17.18 -3.15 8.39
C VAL A 93 -16.33 -3.52 7.18
N GLN A 94 -16.64 -4.67 6.58
CA GLN A 94 -15.93 -5.18 5.39
C GLN A 94 -16.67 -6.38 4.76
N ALA A 95 -16.94 -6.33 3.45
CA ALA A 95 -16.68 -5.16 2.59
C ALA A 95 -17.73 -5.01 1.48
N ARG A 96 -17.83 -5.93 0.51
CA ARG A 96 -16.91 -7.07 0.30
C ARG A 96 -15.97 -6.74 -0.87
N LYS A 97 -14.71 -7.14 -0.72
CA LYS A 97 -13.60 -6.82 -1.63
C LYS A 97 -12.31 -6.92 -0.82
N ARG A 98 -11.22 -7.48 -1.37
CA ARG A 98 -11.08 -8.05 -2.72
C ARG A 98 -9.76 -8.83 -2.76
N LYS A 99 -9.82 -10.14 -2.51
CA LYS A 99 -8.61 -10.94 -2.29
C LYS A 99 -7.89 -11.34 -3.59
N ARG A 100 -6.58 -11.56 -3.45
CA ARG A 100 -5.70 -11.97 -4.55
C ARG A 100 -4.60 -12.89 -3.98
N THR A 101 -4.64 -14.17 -4.36
CA THR A 101 -3.68 -15.15 -3.84
C THR A 101 -2.25 -14.89 -4.31
N SER A 102 -1.39 -14.56 -3.37
CA SER A 102 0.05 -14.50 -3.63
C SER A 102 0.67 -15.84 -3.27
N ILE A 103 0.94 -16.66 -4.29
CA ILE A 103 1.58 -17.96 -4.10
C ILE A 103 3.08 -17.84 -3.86
N GLU A 104 3.60 -18.69 -2.99
CA GLU A 104 5.03 -18.81 -2.73
C GLU A 104 5.83 -19.19 -3.97
N ASN A 105 7.11 -18.83 -3.96
CA ASN A 105 8.04 -19.03 -5.09
C ASN A 105 8.28 -20.50 -5.48
N ARG A 106 8.30 -21.39 -4.48
CA ARG A 106 8.50 -22.83 -4.69
C ARG A 106 7.35 -23.43 -5.47
N VAL A 107 6.13 -23.07 -5.08
CA VAL A 107 4.91 -23.53 -5.72
C VAL A 107 4.89 -23.03 -7.16
N ARG A 108 4.99 -21.72 -7.36
CA ARG A 108 5.01 -21.13 -8.71
C ARG A 108 5.97 -21.84 -9.64
N TRP A 109 7.21 -22.06 -9.17
CA TRP A 109 8.20 -22.76 -9.97
C TRP A 109 7.73 -24.18 -10.26
N SER A 110 7.38 -24.92 -9.20
CA SER A 110 6.86 -26.28 -9.38
C SER A 110 5.51 -26.32 -10.11
N LEU A 111 4.86 -25.17 -10.27
CA LEU A 111 3.72 -25.03 -11.18
C LEU A 111 4.21 -24.78 -12.61
N GLU A 112 5.31 -24.03 -12.71
CA GLU A 112 5.92 -23.74 -14.01
C GLU A 112 6.53 -24.98 -14.64
N THR A 113 6.86 -25.99 -13.83
CA THR A 113 7.45 -27.23 -14.34
C THR A 113 6.53 -27.92 -15.37
N MET A 114 5.24 -28.02 -15.05
CA MET A 114 4.24 -28.54 -15.98
C MET A 114 4.14 -27.64 -17.22
N PHE A 115 5.24 -26.95 -17.50
CA PHE A 115 5.34 -25.93 -18.54
C PHE A 115 6.88 -25.79 -18.78
N LEU A 116 7.36 -26.03 -20.01
CA LEU A 116 6.50 -26.39 -21.11
C LEU A 116 6.45 -27.92 -21.31
N LYS A 117 6.00 -28.62 -20.27
CA LYS A 117 5.67 -30.04 -20.35
C LYS A 117 4.25 -30.24 -20.89
N SER A 118 3.24 -29.68 -20.22
CA SER A 118 1.84 -29.74 -20.70
C SER A 118 1.00 -28.50 -20.41
N PRO A 119 0.76 -27.68 -21.46
CA PRO A 119 0.00 -26.42 -21.44
C PRO A 119 -1.49 -26.50 -21.05
N LYS A 120 -2.15 -27.60 -21.36
CA LYS A 120 -3.61 -27.69 -21.15
C LYS A 120 -4.00 -28.94 -20.33
N PRO A 121 -3.71 -28.92 -19.01
CA PRO A 121 -3.82 -30.06 -18.10
C PRO A 121 -5.11 -30.88 -18.21
N SER A 122 -6.26 -30.22 -18.13
CA SER A 122 -7.57 -30.90 -18.07
C SER A 122 -7.89 -31.39 -16.65
N LEU A 123 -9.19 -31.51 -16.37
CA LEU A 123 -9.73 -31.81 -15.03
C LEU A 123 -8.87 -32.71 -14.15
N GLN A 124 -8.30 -33.76 -14.75
CA GLN A 124 -7.50 -34.75 -14.02
C GLN A 124 -6.28 -34.15 -13.34
N GLN A 125 -5.44 -33.45 -14.12
CA GLN A 125 -4.22 -32.85 -13.58
C GLN A 125 -4.53 -31.70 -12.62
N ILE A 126 -5.59 -30.95 -12.91
CA ILE A 126 -6.01 -29.84 -12.05
C ILE A 126 -6.43 -30.27 -10.65
N THR A 127 -6.83 -31.55 -10.51
CA THR A 127 -7.19 -32.11 -9.21
C THR A 127 -5.96 -32.35 -8.32
N HIS A 128 -5.02 -33.15 -8.83
CA HIS A 128 -3.83 -33.57 -8.10
C HIS A 128 -2.99 -32.41 -7.57
N ILE A 129 -2.73 -31.45 -8.44
CA ILE A 129 -1.82 -30.34 -8.12
C ILE A 129 -2.42 -29.39 -7.08
N ALA A 130 -3.75 -29.28 -7.05
CA ALA A 130 -4.47 -28.40 -6.13
C ALA A 130 -4.30 -28.79 -4.66
N ASN A 131 -4.68 -30.02 -4.33
CA ASN A 131 -4.58 -30.54 -2.96
C ASN A 131 -3.13 -30.68 -2.50
N GLN A 132 -2.27 -31.13 -3.41
CA GLN A 132 -0.85 -31.31 -3.14
C GLN A 132 -0.16 -30.02 -2.71
N LEU A 133 -0.37 -28.96 -3.49
CA LEU A 133 0.28 -27.67 -3.22
C LEU A 133 -0.55 -26.79 -2.27
N GLY A 134 -1.60 -27.36 -1.70
CA GLY A 134 -2.44 -26.66 -0.73
C GLY A 134 -3.12 -25.39 -1.23
N LEU A 135 -3.68 -25.47 -2.44
CA LEU A 135 -4.39 -24.35 -3.04
C LEU A 135 -5.69 -24.83 -3.67
N GLU A 136 -6.71 -23.97 -3.65
CA GLU A 136 -7.99 -24.26 -4.27
C GLU A 136 -7.81 -24.60 -5.76
N LYS A 137 -8.61 -25.53 -6.25
CA LYS A 137 -8.58 -25.98 -7.65
C LYS A 137 -9.00 -24.89 -8.66
N ASP A 138 -9.65 -23.83 -8.16
CA ASP A 138 -9.96 -22.66 -8.97
C ASP A 138 -8.65 -21.99 -9.39
N VAL A 139 -7.81 -21.68 -8.40
CA VAL A 139 -6.52 -21.02 -8.59
C VAL A 139 -5.68 -21.69 -9.68
N VAL A 140 -5.56 -23.01 -9.61
CA VAL A 140 -4.73 -23.77 -10.55
C VAL A 140 -5.23 -23.64 -12.00
N ARG A 141 -6.53 -23.84 -12.22
CA ARG A 141 -7.16 -23.67 -13.54
C ARG A 141 -6.84 -22.28 -14.09
N VAL A 142 -7.10 -21.26 -13.27
CA VAL A 142 -6.83 -19.88 -13.61
C VAL A 142 -5.34 -19.69 -13.95
N TRP A 143 -4.47 -20.27 -13.12
CA TRP A 143 -3.04 -20.11 -13.32
C TRP A 143 -2.64 -20.62 -14.69
N PHE A 144 -3.11 -21.82 -15.01
CA PHE A 144 -2.79 -22.47 -16.28
C PHE A 144 -3.41 -21.73 -17.46
N SER A 145 -4.48 -20.98 -17.21
CA SER A 145 -5.05 -20.16 -18.26
C SER A 145 -4.15 -18.95 -18.46
N ASN A 146 -3.88 -18.23 -17.38
CA ASN A 146 -3.03 -17.04 -17.47
C ASN A 146 -1.69 -17.34 -18.12
N ARG A 147 -1.05 -18.42 -17.67
CA ARG A 147 0.23 -18.85 -18.24
C ARG A 147 0.13 -19.10 -19.73
N ARG A 148 -1.00 -19.64 -20.18
CA ARG A 148 -1.25 -19.88 -21.60
C ARG A 148 -1.29 -18.55 -22.37
N GLN A 149 -1.91 -17.53 -21.78
CA GLN A 149 -2.02 -16.25 -22.46
C GLN A 149 -0.66 -15.57 -22.59
N LYS A 150 0.17 -15.66 -21.55
CA LYS A 150 1.54 -15.10 -21.61
C LYS A 150 2.30 -15.72 -22.79
N GLY A 151 2.04 -16.98 -23.07
CA GLY A 151 2.58 -17.64 -24.25
C GLY A 151 2.26 -16.84 -25.49
N LYS A 152 1.00 -16.95 -25.95
CA LYS A 152 0.54 -16.25 -27.15
C LYS A 152 0.92 -14.77 -27.20
N ARG A 153 1.33 -14.21 -26.06
CA ARG A 153 1.90 -12.86 -26.00
C ARG A 153 3.38 -12.91 -26.33
N LYS B 6 27.55 -12.33 11.73
CA LYS B 6 27.83 -13.78 11.79
C LYS B 6 26.92 -14.50 12.78
N ALA B 7 26.65 -13.85 13.91
CA ALA B 7 25.79 -14.40 14.96
C ALA B 7 24.31 -14.06 14.74
N LEU B 8 24.04 -12.77 14.52
CA LEU B 8 22.68 -12.27 14.39
C LEU B 8 22.04 -12.62 13.04
N GLN B 9 22.70 -12.22 11.95
CA GLN B 9 22.20 -12.41 10.58
C GLN B 9 21.98 -13.89 10.21
N LYS B 10 22.42 -14.78 11.09
CA LYS B 10 22.13 -16.20 10.95
C LYS B 10 20.72 -16.50 11.42
N GLU B 11 20.43 -16.10 12.66
CA GLU B 11 19.12 -16.33 13.28
C GLU B 11 18.04 -15.39 12.73
N LEU B 12 18.46 -14.20 12.28
CA LEU B 12 17.56 -13.25 11.63
C LEU B 12 17.08 -13.77 10.27
N GLU B 13 18.02 -14.20 9.44
CA GLU B 13 17.70 -14.80 8.13
C GLU B 13 16.75 -15.99 8.31
N GLN B 14 16.91 -16.72 9.42
CA GLN B 14 16.06 -17.85 9.74
C GLN B 14 14.64 -17.38 10.07
N PHE B 15 14.52 -16.32 10.87
CA PHE B 15 13.21 -15.80 11.27
C PHE B 15 12.43 -15.19 10.09
N ALA B 16 13.13 -14.47 9.21
CA ALA B 16 12.50 -13.83 8.05
C ALA B 16 11.76 -14.83 7.16
N LYS B 17 12.39 -15.98 6.91
CA LYS B 17 11.76 -17.06 6.16
C LYS B 17 10.54 -17.61 6.91
N LEU B 18 10.63 -17.62 8.24
CA LEU B 18 9.57 -18.15 9.11
C LEU B 18 8.35 -17.24 9.16
N LEU B 19 8.56 -15.94 8.99
CA LEU B 19 7.48 -14.98 9.06
C LEU B 19 6.77 -14.92 7.71
N LYS B 20 7.54 -15.03 6.63
CA LYS B 20 6.96 -14.99 5.29
C LYS B 20 6.06 -16.19 5.02
N GLN B 21 6.59 -17.38 5.29
CA GLN B 21 5.80 -18.61 5.09
C GLN B 21 4.51 -18.54 5.90
N LYS B 22 4.63 -18.22 7.19
CA LYS B 22 3.47 -18.10 8.07
C LYS B 22 2.47 -17.08 7.50
N ARG B 23 2.97 -15.88 7.21
CA ARG B 23 2.15 -14.84 6.59
C ARG B 23 1.37 -15.37 5.38
N ILE B 24 2.04 -16.12 4.51
CA ILE B 24 1.38 -16.63 3.31
C ILE B 24 0.44 -17.80 3.59
N THR B 25 0.85 -18.75 4.44
CA THR B 25 -0.02 -19.83 4.91
C THR B 25 -1.39 -19.26 5.26
N LEU B 26 -1.41 -18.30 6.19
CA LEU B 26 -2.65 -17.74 6.71
C LEU B 26 -3.32 -16.70 5.81
N GLY B 27 -2.80 -16.50 4.60
CA GLY B 27 -3.43 -15.59 3.66
C GLY B 27 -3.42 -14.12 4.03
N TYR B 28 -2.43 -13.70 4.83
CA TYR B 28 -2.24 -12.30 5.18
C TYR B 28 -1.34 -11.61 4.17
N THR B 29 -1.58 -10.32 3.93
CA THR B 29 -0.68 -9.46 3.15
C THR B 29 0.25 -8.68 4.09
N GLN B 30 1.35 -8.15 3.55
CA GLN B 30 2.34 -7.40 4.32
C GLN B 30 1.74 -6.20 5.05
N ALA B 31 0.88 -5.45 4.37
CA ALA B 31 0.17 -4.34 4.98
C ALA B 31 -0.63 -4.85 6.18
N ASP B 32 -1.48 -5.85 5.94
CA ASP B 32 -2.24 -6.51 7.00
C ASP B 32 -1.41 -6.74 8.26
N VAL B 33 -0.29 -7.45 8.15
CA VAL B 33 0.54 -7.73 9.31
C VAL B 33 0.90 -6.41 10.00
N GLY B 34 1.48 -5.48 9.24
CA GLY B 34 1.88 -4.18 9.74
C GLY B 34 0.72 -3.44 10.38
N LEU B 35 -0.45 -3.54 9.77
CA LEU B 35 -1.64 -2.89 10.27
C LEU B 35 -2.13 -3.59 11.53
N THR B 36 -1.99 -4.92 11.59
CA THR B 36 -2.45 -5.66 12.77
C THR B 36 -1.48 -5.47 13.93
N LEU B 37 -0.21 -5.23 13.63
CA LEU B 37 0.76 -4.89 14.67
C LEU B 37 0.25 -3.73 15.50
N GLY B 38 -0.47 -2.82 14.84
CA GLY B 38 -1.07 -1.68 15.51
C GLY B 38 -2.18 -2.13 16.45
N VAL B 39 -3.06 -3.00 15.94
CA VAL B 39 -4.20 -3.54 16.72
C VAL B 39 -3.71 -4.23 18.00
N LEU B 40 -2.71 -5.10 17.82
CA LEU B 40 -2.13 -5.86 18.91
C LEU B 40 -1.33 -5.02 19.89
N PHE B 41 -0.52 -4.10 19.37
CA PHE B 41 0.49 -3.47 20.21
C PHE B 41 0.41 -1.95 20.29
N GLY B 42 -0.56 -1.38 19.60
CA GLY B 42 -0.73 0.07 19.55
C GLY B 42 0.32 0.79 18.72
N LYS B 43 1.11 0.04 17.97
CA LYS B 43 2.19 0.61 17.16
C LYS B 43 2.17 0.05 15.72
N VAL B 44 1.47 0.76 14.84
CA VAL B 44 1.19 0.29 13.49
C VAL B 44 2.44 0.38 12.59
N PHE B 45 2.49 -0.38 11.51
CA PHE B 45 3.64 -0.37 10.60
C PHE B 45 3.22 -0.52 9.13
N SER B 46 3.81 0.26 8.24
CA SER B 46 3.40 0.27 6.83
C SER B 46 3.85 -1.01 6.17
N GLN B 47 3.28 -1.39 5.01
CA GLN B 47 3.78 -2.60 4.34
C GLN B 47 5.24 -2.50 3.96
N THR B 48 5.69 -1.31 3.54
CA THR B 48 7.11 -1.12 3.27
C THR B 48 7.98 -1.64 4.40
N THR B 49 7.71 -1.20 5.62
CA THR B 49 8.51 -1.68 6.73
C THR B 49 8.51 -3.20 6.69
N ILE B 50 7.32 -3.81 6.67
CA ILE B 50 7.21 -5.28 6.72
C ILE B 50 7.95 -5.99 5.58
N SER B 51 7.96 -5.39 4.41
CA SER B 51 8.66 -5.98 3.28
C SER B 51 10.17 -5.92 3.50
N ARG B 52 10.65 -4.82 4.08
CA ARG B 52 12.08 -4.67 4.29
C ARG B 52 12.55 -5.65 5.35
N PHE B 53 11.76 -5.84 6.40
CA PHE B 53 12.02 -6.89 7.35
C PHE B 53 12.21 -8.24 6.66
N GLU B 54 11.17 -8.69 5.96
CA GLU B 54 11.20 -10.00 5.29
C GLU B 54 12.29 -10.15 4.25
N ALA B 55 12.82 -9.01 3.79
CA ALA B 55 13.88 -8.99 2.76
C ALA B 55 15.27 -8.72 3.34
N LEU B 56 15.33 -8.47 4.65
CA LEU B 56 16.59 -8.14 5.31
C LEU B 56 17.24 -6.87 4.78
N GLN B 57 16.43 -5.91 4.35
CA GLN B 57 16.99 -4.65 3.88
C GLN B 57 17.15 -3.61 4.99
N LEU B 58 16.57 -3.91 6.15
CA LEU B 58 16.75 -3.05 7.31
C LEU B 58 18.10 -3.32 7.98
N SER B 59 18.59 -2.33 8.73
CA SER B 59 19.80 -2.45 9.52
C SER B 59 19.57 -3.43 10.66
N LEU B 60 20.66 -4.04 11.15
CA LEU B 60 20.58 -5.12 12.13
C LEU B 60 19.84 -4.74 13.41
N LYS B 61 20.16 -3.56 13.94
CA LYS B 61 19.49 -3.04 15.13
C LYS B 61 17.99 -2.92 14.89
N ASN B 62 17.62 -2.35 13.74
CA ASN B 62 16.22 -2.21 13.36
C ASN B 62 15.46 -3.53 13.24
N MET B 63 16.11 -4.54 12.65
CA MET B 63 15.57 -5.89 12.58
C MET B 63 15.33 -6.38 14.01
N SER B 64 16.34 -6.19 14.85
CA SER B 64 16.34 -6.65 16.23
C SER B 64 15.28 -5.95 17.04
N LYS B 65 15.11 -4.64 16.82
CA LYS B 65 14.07 -3.88 17.48
C LYS B 65 12.67 -4.34 17.06
N LEU B 66 12.56 -4.87 15.84
CA LEU B 66 11.27 -5.28 15.27
C LEU B 66 10.92 -6.75 15.43
N ARG B 67 11.91 -7.58 15.74
CA ARG B 67 11.70 -9.02 15.86
C ARG B 67 10.67 -9.39 16.95
N PRO B 68 10.82 -8.83 18.18
CA PRO B 68 9.83 -9.10 19.25
C PRO B 68 8.38 -8.78 18.89
N LEU B 69 8.13 -7.79 18.04
CA LEU B 69 6.76 -7.48 17.65
C LEU B 69 6.24 -8.55 16.69
N LEU B 70 7.08 -8.91 15.72
CA LEU B 70 6.67 -9.86 14.69
C LEU B 70 6.60 -11.28 15.24
N GLU B 71 7.53 -11.62 16.14
CA GLU B 71 7.49 -12.87 16.88
C GLU B 71 6.17 -12.98 17.64
N LYS B 72 5.80 -11.91 18.35
CA LYS B 72 4.51 -11.82 19.04
C LYS B 72 3.33 -11.95 18.07
N TRP B 73 3.47 -11.41 16.87
CA TRP B 73 2.40 -11.49 15.88
C TRP B 73 2.19 -12.93 15.46
N VAL B 74 3.26 -13.61 15.06
CA VAL B 74 3.18 -15.00 14.66
C VAL B 74 2.37 -15.79 15.69
N GLU B 75 2.85 -15.84 16.93
CA GLU B 75 2.25 -16.67 17.97
C GLU B 75 0.79 -16.33 18.29
N GLU B 76 0.33 -15.15 17.87
CA GLU B 76 -1.08 -14.81 17.95
C GLU B 76 -1.87 -15.42 16.79
N ALA B 77 -1.29 -15.41 15.59
CA ALA B 77 -1.99 -15.86 14.38
C ALA B 77 -2.24 -17.36 14.33
N ASP B 78 -1.42 -18.13 15.05
CA ASP B 78 -1.51 -19.60 15.04
C ASP B 78 -2.72 -20.21 15.76
N ASN B 79 -3.65 -19.37 16.20
CA ASN B 79 -4.80 -19.84 16.99
C ASN B 79 -6.09 -19.08 16.68
N ASN B 80 -6.10 -17.80 17.04
CA ASN B 80 -7.24 -16.91 16.83
C ASN B 80 -7.05 -16.04 15.59
N GLU B 81 -6.84 -16.71 14.45
CA GLU B 81 -6.57 -16.04 13.19
C GLU B 81 -7.75 -15.20 12.72
N ASN B 82 -8.96 -15.65 13.02
CA ASN B 82 -10.17 -14.97 12.56
C ASN B 82 -10.51 -13.68 13.29
N LEU B 83 -10.28 -13.63 14.60
CA LEU B 83 -10.58 -12.43 15.38
C LEU B 83 -9.57 -11.30 15.15
N GLN B 84 -8.50 -11.61 14.42
CA GLN B 84 -7.59 -10.61 13.87
C GLN B 84 -8.13 -10.11 12.55
N GLU B 85 -8.64 -11.05 11.74
CA GLU B 85 -9.23 -10.75 10.44
C GLU B 85 -10.56 -10.01 10.55
N ILE B 86 -10.90 -9.58 11.77
CA ILE B 86 -12.15 -8.89 12.07
C ILE B 86 -11.93 -7.69 12.99
N SER B 87 -10.72 -7.56 13.54
CA SER B 87 -10.39 -6.50 14.48
C SER B 87 -9.73 -5.32 13.79
N LYS B 88 -8.99 -5.62 12.73
CA LYS B 88 -8.24 -4.61 11.97
C LYS B 88 -9.07 -4.08 10.80
N SER B 89 -9.44 -4.99 9.89
CA SER B 89 -10.22 -4.64 8.70
C SER B 89 -11.71 -4.66 8.98
N GLN B 94 -9.70 5.00 15.80
CA GLN B 94 -8.56 5.14 16.70
C GLN B 94 -7.25 4.86 15.96
N ALA B 95 -6.30 5.78 16.09
CA ALA B 95 -5.02 5.68 15.36
C ALA B 95 -3.79 6.13 16.15
N ARG B 96 -2.77 5.27 16.15
CA ARG B 96 -1.40 5.68 16.43
C ARG B 96 -0.67 5.50 15.09
N LYS B 97 -0.95 6.44 14.19
CA LYS B 97 -0.68 6.32 12.76
C LYS B 97 0.79 6.35 12.39
N ARG B 98 1.46 7.47 12.71
CA ARG B 98 2.78 7.79 12.17
C ARG B 98 2.63 8.36 10.74
N LYS B 99 2.26 9.64 10.69
CA LYS B 99 2.03 10.32 9.42
C LYS B 99 3.35 10.55 8.70
N ARG B 100 3.25 10.77 7.39
CA ARG B 100 4.31 11.29 6.56
C ARG B 100 3.61 12.20 5.60
N THR B 101 3.91 13.50 5.67
CA THR B 101 3.26 14.48 4.81
C THR B 101 3.71 14.32 3.36
N SER B 102 2.74 14.26 2.46
CA SER B 102 3.03 14.40 1.04
C SER B 102 2.78 15.86 0.66
N ILE B 103 3.75 16.48 -0.01
CA ILE B 103 3.56 17.85 -0.48
C ILE B 103 3.36 17.89 -1.99
N GLU B 104 2.43 18.72 -2.44
CA GLU B 104 2.16 18.92 -3.86
C GLU B 104 3.42 19.32 -4.62
N ASN B 105 3.62 18.70 -5.78
CA ASN B 105 4.70 19.03 -6.72
C ASN B 105 4.98 20.53 -6.84
N ARG B 106 3.91 21.33 -6.91
CA ARG B 106 4.01 22.78 -6.98
C ARG B 106 4.61 23.36 -5.70
N VAL B 107 4.17 22.86 -4.55
CA VAL B 107 4.62 23.37 -3.25
C VAL B 107 6.05 22.91 -2.96
N ARG B 108 6.39 21.70 -3.38
CA ARG B 108 7.75 21.17 -3.22
C ARG B 108 8.75 21.93 -4.06
N TRP B 109 8.27 22.56 -5.14
CA TRP B 109 9.11 23.32 -6.06
C TRP B 109 9.28 24.75 -5.58
N SER B 110 8.21 25.32 -5.02
CA SER B 110 8.30 26.64 -4.39
C SER B 110 9.39 26.61 -3.34
N LEU B 111 9.29 25.66 -2.41
CA LEU B 111 10.30 25.40 -1.38
C LEU B 111 11.69 25.18 -1.96
N GLU B 112 11.76 24.52 -3.11
CA GLU B 112 13.02 24.36 -3.82
C GLU B 112 13.61 25.71 -4.23
N THR B 113 12.77 26.57 -4.83
CA THR B 113 13.20 27.91 -5.24
C THR B 113 13.74 28.71 -4.06
N MET B 114 13.02 28.64 -2.93
CA MET B 114 13.38 29.37 -1.73
C MET B 114 14.75 28.92 -1.21
N PHE B 115 14.97 27.61 -1.20
CA PHE B 115 16.29 27.02 -0.91
C PHE B 115 17.23 27.37 -2.08
N LEU B 116 18.54 27.17 -1.93
CA LEU B 116 19.52 27.38 -3.03
C LEU B 116 19.71 28.85 -3.39
N LYS B 117 18.75 29.68 -2.99
CA LYS B 117 18.95 31.13 -2.87
C LYS B 117 18.98 31.52 -1.39
N SER B 118 18.46 30.63 -0.52
CA SER B 118 18.58 30.77 0.94
C SER B 118 18.56 29.39 1.64
N PRO B 119 19.74 28.74 1.75
CA PRO B 119 19.90 27.40 2.33
C PRO B 119 19.54 27.27 3.82
N LYS B 120 19.82 28.30 4.63
CA LYS B 120 19.51 28.25 6.05
C LYS B 120 18.61 29.42 6.51
N PRO B 121 17.32 29.38 6.16
CA PRO B 121 16.36 30.40 6.63
C PRO B 121 16.28 30.42 8.13
N SER B 122 15.63 31.43 8.69
CA SER B 122 15.39 31.47 10.14
C SER B 122 13.92 31.20 10.45
N LEU B 123 13.61 31.06 11.73
CA LEU B 123 12.24 30.82 12.18
C LEU B 123 11.25 31.89 11.70
N GLN B 124 11.74 33.11 11.55
CA GLN B 124 10.93 34.24 11.07
C GLN B 124 10.57 34.12 9.58
N GLN B 125 11.35 33.35 8.83
CA GLN B 125 11.03 33.07 7.43
C GLN B 125 10.10 31.87 7.34
N ILE B 126 10.49 30.81 8.02
CA ILE B 126 9.72 29.57 8.08
C ILE B 126 8.22 29.79 8.36
N THR B 127 7.91 30.72 9.26
CA THR B 127 6.51 31.03 9.61
C THR B 127 5.65 31.58 8.46
N HIS B 128 6.20 32.52 7.69
CA HIS B 128 5.49 33.12 6.56
C HIS B 128 5.32 32.08 5.46
N ILE B 129 6.40 31.36 5.20
CA ILE B 129 6.42 30.30 4.21
C ILE B 129 5.35 29.24 4.53
N ALA B 130 5.24 28.88 5.81
CA ALA B 130 4.27 27.89 6.28
C ALA B 130 2.82 28.28 5.95
N ASN B 131 2.38 29.46 6.40
CA ASN B 131 1.01 29.88 6.17
C ASN B 131 0.75 30.30 4.72
N GLN B 132 1.83 30.69 4.02
CA GLN B 132 1.76 31.06 2.61
C GLN B 132 1.38 29.86 1.74
N LEU B 133 1.98 28.71 2.03
CA LEU B 133 1.79 27.51 1.22
C LEU B 133 0.81 26.51 1.83
N GLY B 134 0.12 26.91 2.91
CA GLY B 134 -0.89 26.07 3.55
C GLY B 134 -0.30 24.87 4.26
N LEU B 135 0.92 25.04 4.79
CA LEU B 135 1.61 23.96 5.49
C LEU B 135 1.79 24.28 6.97
N GLU B 136 1.97 23.23 7.77
CA GLU B 136 2.36 23.40 9.17
C GLU B 136 3.82 23.87 9.20
N LYS B 137 4.20 24.59 10.24
CA LYS B 137 5.55 25.15 10.34
C LYS B 137 6.64 24.09 10.55
N ASP B 138 6.35 23.08 11.37
CA ASP B 138 7.32 22.04 11.66
C ASP B 138 7.65 21.22 10.41
N VAL B 139 6.76 21.26 9.41
CA VAL B 139 7.00 20.64 8.12
C VAL B 139 8.07 21.40 7.35
N VAL B 140 7.80 22.67 7.05
CA VAL B 140 8.77 23.54 6.38
C VAL B 140 10.13 23.52 7.08
N ARG B 141 10.11 23.54 8.41
CA ARG B 141 11.34 23.56 9.20
C ARG B 141 12.18 22.31 8.96
N VAL B 142 11.56 21.15 9.19
CA VAL B 142 12.20 19.87 8.91
C VAL B 142 12.59 19.75 7.44
N TRP B 143 11.76 20.27 6.56
CA TRP B 143 12.00 20.19 5.12
C TRP B 143 13.35 20.78 4.77
N PHE B 144 13.64 21.93 5.38
CA PHE B 144 14.84 22.66 5.06
C PHE B 144 16.06 21.89 5.54
N SER B 145 15.92 21.24 6.69
CA SER B 145 17.03 20.55 7.31
C SER B 145 17.42 19.32 6.49
N ASN B 146 16.43 18.54 6.07
CA ASN B 146 16.67 17.43 5.15
C ASN B 146 17.24 17.88 3.80
N ARG B 147 16.69 18.96 3.25
CA ARG B 147 17.19 19.51 1.98
C ARG B 147 18.67 19.87 2.11
N ARG B 148 19.04 20.46 3.26
CA ARG B 148 20.44 20.76 3.56
C ARG B 148 21.26 19.48 3.66
N GLN B 149 20.69 18.44 4.27
CA GLN B 149 21.39 17.17 4.42
C GLN B 149 21.61 16.48 3.07
N LYS B 150 20.68 16.66 2.14
CA LYS B 150 20.85 16.21 0.75
C LYS B 150 22.03 16.93 0.11
N GLY B 151 22.21 18.21 0.43
CA GLY B 151 23.37 18.97 -0.03
C GLY B 151 24.68 18.33 0.41
N LYS B 152 24.92 18.35 1.72
CA LYS B 152 26.13 17.77 2.32
C LYS B 152 26.36 16.28 1.97
N ARG B 153 25.31 15.62 1.48
CA ARG B 153 25.40 14.21 1.06
C ARG B 153 26.48 14.01 0.00
N SER B 154 26.32 14.67 -1.15
CA SER B 154 27.29 14.60 -2.25
C SER B 154 27.14 15.78 -3.22
#